data_2VU9
#
_entry.id   2VU9
#
_cell.length_a   72.700
_cell.length_b   116.110
_cell.length_c   105.520
_cell.angle_alpha   90.00
_cell.angle_beta   90.00
_cell.angle_gamma   90.00
#
_symmetry.space_group_name_H-M   'C 2 2 21'
#
loop_
_entity.id
_entity.type
_entity.pdbx_description
1 polymer 'BOTULINUM NEUROTOXIN A HEAVY CHAIN'
2 branched 'N-acetyl-alpha-neuraminic acid-(2-3)-beta-D-galactopyranose-(1-3)-2-acetamido-2-deoxy-beta-D-galactopyranose-(1-4)-[N-acetyl-alpha-neuraminic acid-(2-3)]beta-D-galactopyranose-(1-4)-beta-D-glucopyranose'
3 non-polymer 'MAGNESIUM ION'
4 water water
#
_entity_poly.entity_id   1
_entity_poly.type   'polypeptide(L)'
_entity_poly.pdbx_seq_one_letter_code
;MGSSHHHHHHSSGLVPRGSHMDTSILNLRYESNHLIDLSRYASKINIGSKVNFDPIDKNQIQLFNLESSKIEVILKNAIV
YNSMYENFSTSFWIRIPKYFNSISLNNEYTIINCMENNSGWKVSLNYGEIIWTLQDTQEIKQRVVFKYSQMINISDYINR
WIFVTITNNRLNNSKIYINGRLIDQKPISNLGNIHASNNIMFKLDGCRDTHRYIWIKYFNLFDKELNEKEIKDLYDNQSN
SGILKDFWGDYLQYDKPYYMLNLYDPNKYVDVNNVGIRGYMYLKGPRGSVMTTNIYLNSSLYRGTKFIIKKYASGNKDNI
VRNNDRVYINVVVKNKEYRLATNASQAGVEKILSALEIPDVGNLSQVVVMKSKNDQGITNKCKMNLQDNNGNDIGFIGFH
QFNNIAKLVASNWYNRQIERSSRTLGCSWEFIPVDDGWGERPLQ
;
_entity_poly.pdbx_strand_id   A
#
# COMPACT_ATOMS: atom_id res chain seq x y z
N HIS A 20 15.54 -16.82 -17.50
CA HIS A 20 15.59 -17.84 -18.60
C HIS A 20 14.99 -19.17 -18.19
N MET A 21 14.41 -19.21 -17.01
CA MET A 21 13.93 -20.46 -16.47
C MET A 21 12.68 -20.19 -15.67
N ASP A 22 11.67 -21.01 -15.94
CA ASP A 22 10.39 -20.87 -15.32
C ASP A 22 10.50 -21.40 -13.88
N THR A 23 10.45 -20.50 -12.88
CA THR A 23 10.54 -20.92 -11.47
C THR A 23 9.25 -20.75 -10.65
N SER A 24 8.29 -19.94 -11.11
CA SER A 24 7.01 -19.89 -10.41
C SER A 24 6.24 -21.20 -10.68
N ILE A 25 5.90 -21.94 -9.62
CA ILE A 25 5.08 -23.17 -9.70
C ILE A 25 3.62 -22.95 -9.29
N LEU A 26 3.28 -21.73 -8.91
CA LEU A 26 1.91 -21.29 -8.71
C LEU A 26 1.92 -19.78 -8.89
N ASN A 27 1.02 -19.26 -9.71
CA ASN A 27 0.97 -17.84 -10.01
C ASN A 27 -0.50 -17.46 -10.05
N LEU A 28 -1.06 -17.10 -8.90
CA LEU A 28 -2.49 -16.96 -8.76
C LEU A 28 -2.89 -15.55 -9.19
N ARG A 29 -3.71 -15.45 -10.24
CA ARG A 29 -4.03 -14.16 -10.82
C ARG A 29 -5.46 -14.15 -11.35
N TYR A 30 -6.07 -12.97 -11.38
CA TYR A 30 -7.42 -12.80 -11.92
C TYR A 30 -7.35 -12.54 -13.43
N GLU A 31 -7.98 -13.41 -14.19
CA GLU A 31 -7.96 -13.37 -15.64
C GLU A 31 -9.29 -13.86 -16.11
N SER A 32 -9.84 -13.19 -17.13
CA SER A 32 -11.09 -13.60 -17.74
C SER A 32 -12.14 -14.08 -16.70
N ASN A 33 -12.41 -13.18 -15.75
CA ASN A 33 -13.58 -13.31 -14.82
C ASN A 33 -13.33 -14.30 -13.68
N HIS A 34 -12.13 -14.85 -13.58
CA HIS A 34 -11.82 -15.88 -12.58
C HIS A 34 -10.45 -15.71 -11.98
N LEU A 35 -10.29 -16.14 -10.74
CA LEU A 35 -8.97 -16.27 -10.15
C LEU A 35 -8.41 -17.64 -10.56
N ILE A 36 -7.29 -17.61 -11.27
CA ILE A 36 -6.71 -18.84 -11.79
C ILE A 36 -5.20 -18.93 -11.55
N ASP A 37 -4.69 -20.15 -11.67
CA ASP A 37 -3.26 -20.36 -11.72
C ASP A 37 -2.79 -20.21 -13.16
N LEU A 38 -1.95 -19.21 -13.39
CA LEU A 38 -1.35 -18.96 -14.70
C LEU A 38 -0.10 -19.80 -14.96
N SER A 39 0.38 -20.53 -13.95
CA SER A 39 1.52 -21.43 -14.15
C SER A 39 1.09 -22.57 -15.06
N ARG A 40 2.09 -23.27 -15.56
CA ARG A 40 1.85 -24.42 -16.42
C ARG A 40 1.06 -25.52 -15.69
N TYR A 41 1.13 -25.56 -14.37
CA TYR A 41 0.50 -26.63 -13.58
C TYR A 41 -0.99 -26.46 -13.44
N ALA A 42 -1.50 -25.25 -13.72
CA ALA A 42 -2.92 -25.00 -13.75
C ALA A 42 -3.61 -25.65 -12.55
N SER A 43 -3.06 -25.43 -11.37
CA SER A 43 -3.66 -25.95 -10.16
C SER A 43 -5.09 -25.43 -10.02
N LYS A 44 -5.96 -26.28 -9.48
CA LYS A 44 -7.37 -25.95 -9.38
C LYS A 44 -7.66 -25.05 -8.17
N ILE A 45 -8.52 -24.05 -8.38
CA ILE A 45 -8.86 -23.05 -7.36
C ILE A 45 -10.34 -23.22 -6.92
N ASN A 46 -10.58 -23.40 -5.61
N ASN A 46 -10.58 -23.43 -5.62
CA ASN A 46 -11.94 -23.50 -5.06
CA ASN A 46 -11.93 -23.48 -5.06
C ASN A 46 -12.20 -22.29 -4.15
C ASN A 46 -12.16 -22.26 -4.18
N ILE A 47 -13.09 -21.40 -4.58
CA ILE A 47 -13.34 -20.15 -3.87
C ILE A 47 -14.60 -20.23 -3.05
N GLY A 48 -14.53 -19.81 -1.79
CA GLY A 48 -15.69 -19.81 -0.91
C GLY A 48 -16.69 -18.72 -1.26
N SER A 49 -17.89 -18.86 -0.72
CA SER A 49 -18.96 -17.92 -1.06
C SER A 49 -18.82 -16.54 -0.45
N LYS A 50 -17.94 -16.38 0.54
CA LYS A 50 -17.81 -15.08 1.21
C LYS A 50 -16.44 -14.47 1.00
N VAL A 51 -15.85 -14.71 -0.17
CA VAL A 51 -14.58 -14.05 -0.55
C VAL A 51 -15.02 -12.82 -1.32
N ASN A 52 -14.39 -11.69 -1.05
CA ASN A 52 -14.73 -10.46 -1.76
C ASN A 52 -13.55 -10.05 -2.63
N PHE A 53 -13.85 -9.55 -3.82
CA PHE A 53 -12.87 -8.97 -4.72
C PHE A 53 -13.13 -7.47 -4.84
N ASP A 54 -12.06 -6.70 -4.89
CA ASP A 54 -12.12 -5.26 -5.08
C ASP A 54 -12.75 -5.00 -6.45
N PRO A 55 -13.78 -4.13 -6.51
CA PRO A 55 -14.44 -3.76 -7.75
C PRO A 55 -13.55 -3.26 -8.88
N ILE A 56 -12.46 -2.59 -8.56
CA ILE A 56 -11.64 -2.03 -9.62
C ILE A 56 -10.39 -2.84 -9.88
N ASP A 57 -9.81 -3.41 -8.83
CA ASP A 57 -8.64 -4.24 -9.02
C ASP A 57 -8.97 -5.61 -8.50
N LYS A 58 -9.43 -6.48 -9.39
CA LYS A 58 -9.95 -7.79 -9.00
C LYS A 58 -8.88 -8.78 -8.56
N ASN A 59 -7.61 -8.40 -8.69
CA ASN A 59 -6.58 -9.20 -8.08
C ASN A 59 -6.54 -8.99 -6.56
N GLN A 60 -7.18 -7.93 -6.07
CA GLN A 60 -7.23 -7.70 -4.61
C GLN A 60 -8.37 -8.48 -3.99
N ILE A 61 -8.00 -9.41 -3.10
CA ILE A 61 -8.93 -10.37 -2.52
C ILE A 61 -9.08 -10.14 -1.03
N GLN A 62 -10.32 -10.04 -0.55
CA GLN A 62 -10.58 -9.82 0.86
C GLN A 62 -11.14 -11.08 1.52
N LEU A 63 -10.48 -11.51 2.59
CA LEU A 63 -10.88 -12.67 3.36
C LEU A 63 -11.28 -12.22 4.74
N PHE A 64 -12.52 -12.51 5.10
CA PHE A 64 -13.08 -12.17 6.40
C PHE A 64 -12.90 -13.31 7.41
N ASN A 65 -13.21 -13.01 8.67
CA ASN A 65 -13.17 -14.05 9.69
C ASN A 65 -14.47 -14.87 9.67
N LEU A 66 -14.66 -15.58 8.57
CA LEU A 66 -15.86 -16.38 8.34
C LEU A 66 -15.46 -17.67 7.67
N GLU A 67 -16.08 -18.77 8.07
CA GLU A 67 -15.78 -20.07 7.51
C GLU A 67 -15.77 -20.13 5.99
N SER A 68 -16.72 -19.44 5.37
CA SER A 68 -16.89 -19.48 3.92
C SER A 68 -16.02 -18.46 3.20
N SER A 69 -15.22 -17.71 3.95
CA SER A 69 -14.34 -16.74 3.34
C SER A 69 -12.97 -17.38 3.24
N LYS A 70 -12.80 -18.17 2.18
CA LYS A 70 -11.62 -18.98 2.04
C LYS A 70 -11.36 -19.28 0.58
N ILE A 71 -10.11 -19.56 0.26
CA ILE A 71 -9.73 -20.01 -1.05
C ILE A 71 -8.87 -21.26 -0.87
N GLU A 72 -9.15 -22.32 -1.61
CA GLU A 72 -8.36 -23.54 -1.58
C GLU A 72 -7.69 -23.72 -2.92
N VAL A 73 -6.37 -23.93 -2.92
CA VAL A 73 -5.64 -24.24 -4.14
C VAL A 73 -5.25 -25.71 -4.05
N ILE A 74 -5.60 -26.47 -5.08
CA ILE A 74 -5.34 -27.89 -5.14
C ILE A 74 -4.12 -28.13 -6.01
N LEU A 75 -3.02 -28.51 -5.37
CA LEU A 75 -1.76 -28.67 -6.08
C LEU A 75 -1.66 -30.02 -6.74
N LYS A 76 -1.18 -30.03 -7.97
CA LYS A 76 -0.79 -31.25 -8.65
C LYS A 76 0.28 -31.95 -7.80
N ASN A 77 0.25 -33.28 -7.74
CA ASN A 77 1.18 -34.06 -6.92
C ASN A 77 2.64 -33.67 -7.13
N ALA A 78 3.01 -33.40 -8.37
CA ALA A 78 4.40 -33.10 -8.74
C ALA A 78 4.97 -31.87 -8.09
N ILE A 79 4.12 -30.94 -7.66
CA ILE A 79 4.60 -29.71 -7.05
C ILE A 79 4.26 -29.63 -5.56
N VAL A 80 3.70 -30.71 -5.03
CA VAL A 80 3.60 -30.86 -3.57
C VAL A 80 5.01 -30.92 -2.97
N TYR A 81 5.23 -30.15 -1.91
CA TYR A 81 6.54 -30.13 -1.27
C TYR A 81 6.66 -31.34 -0.38
N ASN A 82 7.66 -32.15 -0.69
CA ASN A 82 7.95 -33.35 0.06
C ASN A 82 9.44 -33.62 -0.09
N SER A 83 10.23 -33.04 0.81
CA SER A 83 11.67 -32.99 0.57
C SER A 83 12.48 -32.71 1.80
N MET A 84 13.71 -33.19 1.75
CA MET A 84 14.76 -32.85 2.70
C MET A 84 15.66 -31.73 2.18
N TYR A 85 15.62 -31.43 0.88
CA TYR A 85 16.67 -30.61 0.23
C TYR A 85 16.21 -29.55 -0.75
N GLU A 86 14.98 -29.62 -1.27
CA GLU A 86 14.52 -28.67 -2.29
C GLU A 86 14.27 -27.30 -1.72
N ASN A 87 14.85 -26.29 -2.35
CA ASN A 87 14.65 -24.91 -1.95
C ASN A 87 13.36 -24.39 -2.56
N PHE A 88 12.72 -23.46 -1.88
CA PHE A 88 11.47 -22.87 -2.37
C PHE A 88 11.21 -21.53 -1.74
N SER A 89 10.38 -20.74 -2.40
CA SER A 89 10.03 -19.40 -1.92
C SER A 89 8.56 -19.13 -2.19
N THR A 90 8.03 -18.14 -1.48
CA THR A 90 6.67 -17.65 -1.75
C THR A 90 6.69 -16.13 -1.71
N SER A 91 5.82 -15.51 -2.50
CA SER A 91 5.64 -14.06 -2.46
C SER A 91 4.17 -13.74 -2.54
N PHE A 92 3.82 -12.59 -1.97
CA PHE A 92 2.45 -12.08 -2.03
C PHE A 92 2.43 -10.68 -1.47
N TRP A 93 1.38 -9.95 -1.80
CA TRP A 93 1.13 -8.65 -1.20
C TRP A 93 -0.01 -8.83 -0.20
N ILE A 94 0.03 -8.06 0.89
CA ILE A 94 -0.98 -8.21 1.91
C ILE A 94 -1.28 -6.81 2.46
N ARG A 95 -2.52 -6.61 2.91
CA ARG A 95 -2.93 -5.37 3.58
C ARG A 95 -3.67 -5.76 4.83
N ILE A 96 -3.10 -5.42 5.98
CA ILE A 96 -3.56 -5.93 7.26
C ILE A 96 -4.13 -4.75 8.04
N PRO A 97 -5.43 -4.78 8.32
CA PRO A 97 -6.00 -3.68 9.09
C PRO A 97 -5.34 -3.51 10.48
N LYS A 98 -5.33 -2.29 10.99
CA LYS A 98 -4.82 -2.04 12.32
C LYS A 98 -5.48 -2.96 13.34
N TYR A 99 -4.70 -3.42 14.31
CA TYR A 99 -5.26 -4.14 15.46
C TYR A 99 -5.86 -3.10 16.41
N PHE A 100 -7.12 -3.31 16.80
CA PHE A 100 -7.88 -2.35 17.59
C PHE A 100 -8.14 -2.78 19.01
N ASN A 101 -8.16 -4.08 19.25
CA ASN A 101 -8.66 -4.60 20.52
C ASN A 101 -7.68 -5.55 21.20
N SER A 102 -7.72 -5.58 22.54
CA SER A 102 -6.81 -6.44 23.29
C SER A 102 -6.99 -7.94 23.05
N ILE A 103 -8.13 -8.35 22.49
CA ILE A 103 -8.34 -9.76 22.12
C ILE A 103 -7.33 -10.22 21.08
N SER A 104 -6.77 -9.28 20.34
CA SER A 104 -5.77 -9.59 19.31
C SER A 104 -4.36 -9.77 19.87
N LEU A 105 -4.12 -9.37 21.12
CA LEU A 105 -2.84 -9.63 21.76
C LEU A 105 -2.70 -11.13 21.98
N ASN A 106 -1.49 -11.65 21.79
CA ASN A 106 -1.23 -13.05 22.02
C ASN A 106 -2.28 -13.94 21.36
N ASN A 107 -2.49 -13.72 20.06
CA ASN A 107 -3.45 -14.53 19.31
C ASN A 107 -2.92 -14.76 17.93
N GLU A 108 -2.02 -15.73 17.80
CA GLU A 108 -1.55 -16.11 16.47
C GLU A 108 -2.66 -16.84 15.71
N TYR A 109 -2.92 -16.42 14.47
CA TYR A 109 -3.92 -17.05 13.62
C TYR A 109 -3.34 -17.33 12.25
N THR A 110 -3.58 -18.54 11.73
CA THR A 110 -3.12 -18.87 10.40
C THR A 110 -3.90 -18.13 9.35
N ILE A 111 -3.21 -17.76 8.27
CA ILE A 111 -3.87 -17.16 7.09
C ILE A 111 -3.63 -17.92 5.79
N ILE A 112 -2.47 -18.56 5.63
CA ILE A 112 -2.18 -19.36 4.45
C ILE A 112 -1.56 -20.66 4.98
N ASN A 113 -2.26 -21.77 4.80
CA ASN A 113 -1.89 -23.01 5.47
C ASN A 113 -1.58 -24.09 4.43
N CYS A 114 -0.39 -24.67 4.54
CA CYS A 114 -0.03 -25.84 3.74
C CYS A 114 0.61 -26.86 4.70
N MET A 115 -0.03 -27.06 5.84
CA MET A 115 0.36 -28.07 6.83
C MET A 115 -0.58 -29.27 6.73
N GLU A 116 -0.02 -30.47 6.83
CA GLU A 116 -0.78 -31.70 6.83
C GLU A 116 -0.08 -32.61 7.82
N ASN A 117 -0.83 -33.17 8.77
CA ASN A 117 -0.28 -34.15 9.71
C ASN A 117 0.95 -33.59 10.42
N ASN A 118 0.84 -32.33 10.82
CA ASN A 118 1.87 -31.60 11.53
C ASN A 118 3.22 -31.46 10.77
N SER A 119 3.17 -31.40 9.45
CA SER A 119 4.36 -31.04 8.66
C SER A 119 4.00 -30.15 7.49
N GLY A 120 4.95 -29.32 7.07
CA GLY A 120 4.71 -28.40 5.97
C GLY A 120 5.06 -26.95 6.30
N TRP A 121 4.33 -26.03 5.69
CA TRP A 121 4.55 -24.60 5.91
C TRP A 121 3.24 -23.84 6.09
N LYS A 122 3.33 -22.67 6.75
CA LYS A 122 2.17 -21.82 6.88
C LYS A 122 2.64 -20.39 7.08
N VAL A 123 1.78 -19.45 6.66
CA VAL A 123 1.89 -18.05 7.02
C VAL A 123 0.82 -17.78 8.08
N SER A 124 1.23 -17.17 9.19
CA SER A 124 0.29 -16.75 10.22
C SER A 124 0.50 -15.29 10.56
N LEU A 125 -0.46 -14.71 11.27
CA LEU A 125 -0.34 -13.34 11.75
C LEU A 125 -0.53 -13.32 13.25
N ASN A 126 -0.13 -12.23 13.89
CA ASN A 126 -0.42 -12.00 15.32
C ASN A 126 -0.35 -10.49 15.44
N TYR A 127 -0.67 -9.96 16.60
CA TYR A 127 -0.60 -8.54 16.83
C TYR A 127 0.76 -8.04 16.38
N GLY A 128 0.77 -7.16 15.41
CA GLY A 128 2.00 -6.57 14.91
C GLY A 128 2.98 -7.53 14.28
N GLU A 129 2.53 -8.69 13.79
CA GLU A 129 3.46 -9.69 13.24
C GLU A 129 2.99 -10.41 12.00
N ILE A 130 3.96 -10.72 11.13
CA ILE A 130 3.76 -11.71 10.03
C ILE A 130 4.78 -12.80 10.31
N ILE A 131 4.32 -14.04 10.33
CA ILE A 131 5.13 -15.18 10.76
C ILE A 131 5.09 -16.29 9.72
N TRP A 132 6.28 -16.84 9.43
CA TRP A 132 6.44 -18.01 8.57
C TRP A 132 6.87 -19.13 9.46
N THR A 133 6.22 -20.30 9.32
CA THR A 133 6.57 -21.47 10.11
C THR A 133 6.82 -22.66 9.17
N LEU A 134 7.92 -23.35 9.40
CA LEU A 134 8.22 -24.63 8.73
C LEU A 134 8.25 -25.73 9.77
N GLN A 135 7.76 -26.90 9.41
CA GLN A 135 7.78 -28.03 10.34
C GLN A 135 8.04 -29.33 9.60
N ASP A 136 9.03 -30.09 10.08
CA ASP A 136 9.36 -31.36 9.46
C ASP A 136 8.46 -32.48 10.00
N THR A 137 8.73 -33.71 9.56
CA THR A 137 7.85 -34.82 9.93
C THR A 137 8.25 -35.44 11.26
N GLN A 138 9.24 -34.87 11.94
CA GLN A 138 9.59 -35.24 13.31
C GLN A 138 9.32 -34.10 14.28
N GLU A 139 8.41 -33.21 13.91
CA GLU A 139 7.93 -32.09 14.73
C GLU A 139 9.04 -31.11 15.18
N ILE A 140 10.01 -30.92 14.30
CA ILE A 140 11.04 -29.91 14.47
C ILE A 140 10.55 -28.73 13.66
N LYS A 141 10.47 -27.57 14.32
CA LYS A 141 9.93 -26.35 13.72
C LYS A 141 10.94 -25.21 13.69
N GLN A 142 10.75 -24.28 12.75
CA GLN A 142 11.45 -23.01 12.79
C GLN A 142 10.52 -21.93 12.32
N ARG A 143 10.67 -20.73 12.88
CA ARG A 143 9.89 -19.57 12.48
C ARG A 143 10.79 -18.41 12.11
N VAL A 144 10.38 -17.61 11.12
CA VAL A 144 10.91 -16.26 10.92
C VAL A 144 9.74 -15.29 11.01
N VAL A 145 10.03 -14.09 11.53
CA VAL A 145 8.98 -13.17 11.98
C VAL A 145 9.35 -11.74 11.55
N PHE A 146 8.37 -11.06 10.98
CA PHE A 146 8.40 -9.62 10.78
C PHE A 146 7.50 -9.02 11.87
N LYS A 147 8.07 -8.11 12.66
CA LYS A 147 7.33 -7.40 13.69
C LYS A 147 7.27 -5.93 13.31
N TYR A 148 6.10 -5.35 13.38
CA TYR A 148 5.91 -3.91 13.13
C TYR A 148 5.17 -3.30 14.30
N SER A 149 5.54 -2.06 14.61
CA SER A 149 4.99 -1.36 15.76
C SER A 149 3.65 -0.72 15.45
N GLN A 150 2.72 -0.72 16.42
CA GLN A 150 1.52 0.13 16.32
C GLN A 150 1.62 1.40 17.20
N MET A 151 2.78 1.61 17.82
CA MET A 151 3.08 2.81 18.58
C MET A 151 4.11 3.59 17.78
N ILE A 152 3.61 4.33 16.80
CA ILE A 152 4.43 4.98 15.79
C ILE A 152 3.57 6.06 15.15
N ASN A 153 4.17 7.21 14.85
CA ASN A 153 3.40 8.32 14.30
C ASN A 153 2.73 7.96 12.99
N ILE A 154 3.52 7.55 11.99
CA ILE A 154 3.03 7.12 10.71
C ILE A 154 3.76 5.84 10.33
N SER A 155 2.98 4.81 10.09
CA SER A 155 3.52 3.48 9.80
C SER A 155 3.60 3.22 8.32
N ASP A 156 4.69 2.60 7.89
CA ASP A 156 4.80 2.10 6.52
C ASP A 156 3.94 0.87 6.28
N TYR A 157 3.46 0.23 7.34
CA TYR A 157 2.95 -1.13 7.25
C TYR A 157 1.49 -1.29 7.66
N ILE A 158 1.05 -0.61 8.70
CA ILE A 158 -0.31 -0.77 9.18
C ILE A 158 -1.34 -0.38 8.12
N ASN A 159 -2.18 -1.33 7.75
CA ASN A 159 -3.29 -1.16 6.84
C ASN A 159 -2.89 -0.67 5.44
N ARG A 160 -1.62 -0.91 5.06
CA ARG A 160 -1.06 -0.49 3.76
C ARG A 160 -0.58 -1.72 3.01
N TRP A 161 -0.76 -1.75 1.70
CA TRP A 161 -0.24 -2.88 0.91
C TRP A 161 1.25 -3.00 1.07
N ILE A 162 1.69 -4.19 1.49
CA ILE A 162 3.11 -4.44 1.62
C ILE A 162 3.45 -5.72 0.89
N PHE A 163 4.65 -5.72 0.33
CA PHE A 163 5.13 -6.94 -0.39
C PHE A 163 5.90 -7.90 0.53
N VAL A 164 5.46 -9.16 0.63
CA VAL A 164 6.08 -10.19 1.44
C VAL A 164 6.82 -11.17 0.55
N THR A 165 8.06 -11.51 0.90
CA THR A 165 8.75 -12.58 0.20
C THR A 165 9.45 -13.45 1.23
N ILE A 166 9.23 -14.75 1.14
CA ILE A 166 9.82 -15.70 2.06
C ILE A 166 10.58 -16.72 1.25
N THR A 167 11.85 -16.93 1.61
CA THR A 167 12.72 -17.87 0.91
C THR A 167 13.28 -18.93 1.85
N ASN A 168 13.58 -20.09 1.30
CA ASN A 168 14.00 -21.23 2.11
C ASN A 168 15.13 -21.94 1.41
N ASN A 169 16.27 -22.01 2.08
CA ASN A 169 17.43 -22.76 1.60
C ASN A 169 17.73 -23.87 2.59
N ARG A 170 17.58 -25.13 2.18
CA ARG A 170 17.55 -26.25 3.12
C ARG A 170 18.91 -26.49 3.75
N LEU A 171 19.97 -25.94 3.15
CA LEU A 171 21.31 -26.03 3.73
C LEU A 171 21.65 -24.92 4.72
N ASN A 172 20.86 -23.85 4.75
CA ASN A 172 21.10 -22.79 5.71
C ASN A 172 19.85 -22.16 6.28
N ASN A 173 19.37 -21.08 5.68
CA ASN A 173 18.35 -20.24 6.32
C ASN A 173 17.01 -20.12 5.58
N SER A 174 15.96 -19.84 6.35
CA SER A 174 14.72 -19.24 5.85
C SER A 174 14.86 -17.75 6.10
N LYS A 175 14.26 -16.97 5.21
CA LYS A 175 14.37 -15.52 5.20
C LYS A 175 13.02 -14.91 4.92
N ILE A 176 12.66 -13.88 5.67
CA ILE A 176 11.48 -13.06 5.31
C ILE A 176 11.94 -11.65 4.94
N TYR A 177 11.45 -11.20 3.78
CA TYR A 177 11.66 -9.86 3.25
C TYR A 177 10.32 -9.13 3.25
N ILE A 178 10.37 -7.82 3.48
CA ILE A 178 9.22 -6.96 3.41
C ILE A 178 9.61 -5.83 2.46
N ASN A 179 8.81 -5.57 1.42
CA ASN A 179 9.12 -4.49 0.46
C ASN A 179 10.54 -4.59 -0.05
N GLY A 180 10.96 -5.83 -0.35
CA GLY A 180 12.25 -6.08 -0.96
C GLY A 180 13.42 -6.08 0.01
N ARG A 181 13.18 -5.82 1.28
CA ARG A 181 14.25 -5.67 2.29
C ARG A 181 14.24 -6.87 3.20
N LEU A 182 15.40 -7.47 3.45
CA LEU A 182 15.49 -8.57 4.41
C LEU A 182 15.15 -8.08 5.81
N ILE A 183 14.25 -8.79 6.48
CA ILE A 183 13.83 -8.44 7.85
C ILE A 183 14.37 -9.44 8.87
N ASP A 184 14.26 -10.73 8.59
CA ASP A 184 14.66 -11.74 9.58
C ASP A 184 15.15 -12.96 8.83
N GLN A 185 16.15 -13.62 9.39
CA GLN A 185 16.56 -14.92 8.85
C GLN A 185 16.91 -15.82 10.01
N LYS A 186 16.56 -17.11 9.88
CA LYS A 186 16.90 -18.09 10.88
C LYS A 186 17.31 -19.39 10.22
N PRO A 187 18.20 -20.14 10.89
CA PRO A 187 18.60 -21.44 10.34
C PRO A 187 17.52 -22.50 10.33
N ILE A 188 17.48 -23.28 9.26
CA ILE A 188 16.55 -24.40 9.10
C ILE A 188 17.26 -25.70 8.74
N SER A 189 18.59 -25.69 8.82
CA SER A 189 19.39 -26.83 8.34
C SER A 189 19.15 -28.09 9.14
N ASN A 190 18.65 -27.94 10.36
CA ASN A 190 18.38 -29.10 11.21
C ASN A 190 17.05 -29.79 10.89
N LEU A 191 16.19 -29.14 10.10
CA LEU A 191 14.91 -29.76 9.72
C LEU A 191 15.18 -30.87 8.73
N GLY A 192 14.45 -31.98 8.86
CA GLY A 192 14.56 -33.14 7.96
C GLY A 192 13.52 -33.11 6.86
N ASN A 193 12.86 -34.24 6.58
CA ASN A 193 11.87 -34.23 5.52
C ASN A 193 10.72 -33.33 5.93
N ILE A 194 10.38 -32.40 5.06
CA ILE A 194 9.14 -31.61 5.17
C ILE A 194 8.15 -32.09 4.11
N HIS A 195 6.99 -32.55 4.55
CA HIS A 195 5.96 -33.05 3.67
C HIS A 195 4.71 -32.19 3.88
N ALA A 196 4.55 -31.23 2.99
CA ALA A 196 3.43 -30.29 3.05
C ALA A 196 2.15 -30.89 2.48
N SER A 197 1.08 -30.11 2.52
CA SER A 197 -0.20 -30.54 2.00
C SER A 197 -0.29 -30.43 0.49
N ASN A 198 -1.23 -31.16 -0.13
CA ASN A 198 -1.52 -30.93 -1.55
C ASN A 198 -2.55 -29.82 -1.73
N ASN A 199 -2.98 -29.21 -0.62
CA ASN A 199 -3.89 -28.10 -0.65
C ASN A 199 -3.26 -26.93 0.08
N ILE A 200 -3.41 -25.73 -0.45
CA ILE A 200 -3.09 -24.50 0.25
C ILE A 200 -4.41 -23.84 0.57
N MET A 201 -4.61 -23.57 1.86
CA MET A 201 -5.86 -23.00 2.35
C MET A 201 -5.62 -21.55 2.73
N PHE A 202 -6.27 -20.62 2.03
CA PHE A 202 -6.20 -19.20 2.35
C PHE A 202 -7.45 -18.97 3.19
N LYS A 203 -7.28 -18.71 4.49
CA LYS A 203 -8.42 -18.61 5.41
C LYS A 203 -7.91 -18.17 6.77
N LEU A 204 -8.65 -17.31 7.45
CA LEU A 204 -8.30 -16.95 8.84
C LEU A 204 -8.68 -18.08 9.74
N ASP A 205 -7.69 -18.68 10.41
CA ASP A 205 -7.88 -19.85 11.26
CA ASP A 205 -7.95 -19.80 11.30
C ASP A 205 -7.37 -19.55 12.68
N GLY A 206 -8.24 -19.60 13.69
CA GLY A 206 -7.83 -19.36 15.05
C GLY A 206 -7.80 -17.91 15.50
N CYS A 207 -8.47 -17.04 14.73
CA CYS A 207 -8.48 -15.60 15.02
C CYS A 207 -9.66 -15.28 15.91
N ARG A 208 -9.37 -14.69 17.08
CA ARG A 208 -10.38 -14.40 18.08
C ARG A 208 -11.11 -13.08 17.87
N ASP A 209 -10.59 -12.22 16.99
CA ASP A 209 -11.26 -10.98 16.64
C ASP A 209 -12.27 -11.22 15.51
N THR A 210 -13.56 -11.25 15.85
CA THR A 210 -14.59 -11.57 14.86
C THR A 210 -14.66 -10.60 13.66
N HIS A 211 -14.10 -9.40 13.84
CA HIS A 211 -14.12 -8.37 12.80
C HIS A 211 -12.87 -8.32 11.93
N ARG A 212 -11.93 -9.22 12.24
CA ARG A 212 -10.66 -9.26 11.51
C ARG A 212 -10.89 -9.67 10.04
N TYR A 213 -10.08 -9.09 9.15
CA TYR A 213 -10.00 -9.54 7.77
C TYR A 213 -8.58 -9.24 7.27
N ILE A 214 -8.25 -9.78 6.11
CA ILE A 214 -7.05 -9.34 5.40
C ILE A 214 -7.40 -9.10 3.93
N TRP A 215 -6.57 -8.30 3.26
CA TRP A 215 -6.55 -8.26 1.80
C TRP A 215 -5.26 -8.92 1.33
N ILE A 216 -5.32 -9.70 0.26
CA ILE A 216 -4.15 -10.37 -0.31
C ILE A 216 -4.19 -10.25 -1.82
N LYS A 217 -3.02 -10.25 -2.45
CA LYS A 217 -2.91 -10.25 -3.93
C LYS A 217 -1.63 -10.88 -4.43
N TYR A 218 -1.70 -11.41 -5.64
CA TYR A 218 -0.55 -11.94 -6.38
C TYR A 218 0.22 -13.02 -5.66
N PHE A 219 -0.47 -13.98 -5.10
CA PHE A 219 0.23 -15.09 -4.47
C PHE A 219 1.05 -15.91 -5.49
N ASN A 220 2.31 -16.16 -5.16
CA ASN A 220 3.21 -17.00 -5.97
C ASN A 220 4.01 -17.96 -5.11
N LEU A 221 4.30 -19.12 -5.69
CA LEU A 221 5.24 -20.10 -5.16
C LEU A 221 6.32 -20.28 -6.20
N PHE A 222 7.55 -20.48 -5.73
CA PHE A 222 8.72 -20.67 -6.60
C PHE A 222 9.51 -21.89 -6.15
N ASP A 223 10.06 -22.61 -7.10
CA ASP A 223 10.87 -23.80 -6.79
C ASP A 223 12.38 -23.54 -6.66
N LYS A 224 12.70 -22.37 -6.10
CA LYS A 224 14.08 -22.07 -5.68
C LYS A 224 14.07 -21.07 -4.54
N GLU A 225 15.23 -20.89 -3.92
CA GLU A 225 15.47 -19.75 -3.06
C GLU A 225 15.72 -18.50 -3.93
N LEU A 226 14.76 -17.57 -3.95
CA LEU A 226 14.95 -16.35 -4.71
C LEU A 226 16.13 -15.58 -4.10
N ASN A 227 16.93 -14.97 -4.95
CA ASN A 227 18.02 -14.13 -4.44
C ASN A 227 17.54 -12.68 -4.32
N GLU A 228 18.37 -11.85 -3.68
CA GLU A 228 17.97 -10.46 -3.38
C GLU A 228 17.59 -9.66 -4.63
N LYS A 229 18.31 -9.84 -5.72
CA LYS A 229 18.04 -9.16 -6.98
C LYS A 229 16.70 -9.58 -7.56
N GLU A 230 16.46 -10.88 -7.55
CA GLU A 230 15.20 -11.45 -8.01
C GLU A 230 14.03 -10.87 -7.22
N ILE A 231 14.22 -10.73 -5.91
CA ILE A 231 13.15 -10.20 -5.05
C ILE A 231 12.91 -8.71 -5.32
N LYS A 232 13.98 -7.94 -5.49
CA LYS A 232 13.81 -6.52 -5.81
C LYS A 232 13.12 -6.37 -7.17
N ASP A 233 13.49 -7.22 -8.13
CA ASP A 233 12.83 -7.19 -9.44
C ASP A 233 11.34 -7.53 -9.37
N LEU A 234 11.00 -8.55 -8.59
CA LEU A 234 9.62 -8.94 -8.38
C LEU A 234 8.82 -7.80 -7.74
N TYR A 235 9.43 -7.20 -6.70
CA TYR A 235 8.81 -6.06 -6.04
C TYR A 235 8.50 -4.92 -7.01
N ASP A 236 9.49 -4.57 -7.83
CA ASP A 236 9.33 -3.55 -8.83
C ASP A 236 8.31 -3.95 -9.88
N ASN A 237 8.49 -5.14 -10.45
CA ASN A 237 7.59 -5.59 -11.53
C ASN A 237 6.14 -5.64 -11.10
N GLN A 238 5.87 -6.04 -9.86
CA GLN A 238 4.47 -6.17 -9.40
C GLN A 238 3.90 -4.91 -8.79
N SER A 239 4.74 -3.89 -8.66
CA SER A 239 4.28 -2.59 -8.24
C SER A 239 4.35 -1.57 -9.37
N ASN A 240 5.07 -1.87 -10.44
CA ASN A 240 5.17 -0.93 -11.56
C ASN A 240 3.83 -0.85 -12.21
N SER A 241 3.39 0.38 -12.45
CA SER A 241 2.06 0.64 -12.99
CA SER A 241 2.08 0.64 -13.00
C SER A 241 2.03 2.04 -13.59
N GLY A 242 1.21 2.24 -14.60
CA GLY A 242 0.89 3.56 -15.09
C GLY A 242 -0.24 4.19 -14.26
N ILE A 243 -0.66 3.51 -13.20
CA ILE A 243 -1.76 3.99 -12.32
C ILE A 243 -1.19 4.54 -11.02
N LEU A 244 -1.64 5.72 -10.59
CA LEU A 244 -1.21 6.26 -9.31
C LEU A 244 -2.01 5.61 -8.16
N LYS A 245 -1.40 5.57 -6.98
CA LYS A 245 -2.02 4.93 -5.83
C LYS A 245 -2.20 5.92 -4.68
N ASP A 246 -3.15 5.58 -3.81
CA ASP A 246 -3.40 6.31 -2.57
C ASP A 246 -2.45 5.84 -1.45
N PHE A 247 -2.57 6.44 -0.28
CA PHE A 247 -1.71 6.14 0.87
C PHE A 247 -1.73 4.67 1.22
N TRP A 248 -2.91 4.07 1.16
CA TRP A 248 -3.07 2.66 1.50
C TRP A 248 -2.50 1.71 0.43
N GLY A 249 -2.27 2.22 -0.77
CA GLY A 249 -1.80 1.43 -1.90
C GLY A 249 -2.84 1.03 -2.92
N ASP A 250 -4.07 1.52 -2.76
CA ASP A 250 -5.13 1.24 -3.72
C ASP A 250 -5.07 2.27 -4.86
N TYR A 251 -5.73 1.99 -5.98
CA TYR A 251 -5.76 2.95 -7.08
C TYR A 251 -6.26 4.34 -6.62
N LEU A 252 -5.53 5.36 -7.04
CA LEU A 252 -5.98 6.75 -6.85
C LEU A 252 -7.11 7.01 -7.84
N GLN A 253 -8.11 7.78 -7.40
CA GLN A 253 -9.32 8.00 -8.16
C GLN A 253 -9.70 9.47 -8.25
N TYR A 254 -10.37 9.80 -9.34
CA TYR A 254 -11.05 11.08 -9.52
C TYR A 254 -12.32 11.12 -8.67
N ASP A 255 -12.72 12.33 -8.33
CA ASP A 255 -14.00 12.55 -7.65
C ASP A 255 -14.13 11.83 -6.31
N LYS A 256 -13.03 11.72 -5.58
CA LYS A 256 -12.97 11.02 -4.32
C LYS A 256 -12.22 11.91 -3.34
N PRO A 257 -12.84 12.24 -2.21
CA PRO A 257 -12.15 13.10 -1.22
C PRO A 257 -10.99 12.41 -0.54
N TYR A 258 -9.89 13.15 -0.44
CA TYR A 258 -8.67 12.71 0.18
C TYR A 258 -8.12 13.71 1.17
N TYR A 259 -7.67 13.22 2.30
CA TYR A 259 -6.83 14.03 3.19
C TYR A 259 -5.37 13.96 2.75
N MET A 260 -4.63 15.03 2.95
CA MET A 260 -3.28 15.16 2.38
C MET A 260 -2.17 14.89 3.38
N LEU A 261 -1.16 14.18 2.91
CA LEU A 261 0.08 13.97 3.63
C LEU A 261 1.27 14.46 2.83
N ASN A 262 2.06 15.38 3.41
CA ASN A 262 3.29 15.85 2.82
C ASN A 262 4.44 15.03 3.39
N LEU A 263 5.29 14.48 2.53
CA LEU A 263 6.34 13.55 2.98
C LEU A 263 7.51 14.21 3.70
N TYR A 264 7.73 15.49 3.50
CA TYR A 264 8.79 16.20 4.23
C TYR A 264 8.34 16.47 5.64
N ASP A 265 7.08 16.86 5.80
CA ASP A 265 6.53 17.26 7.09
C ASP A 265 5.32 16.38 7.36
N PRO A 266 5.53 15.11 7.67
CA PRO A 266 4.37 14.23 7.85
C PRO A 266 3.54 14.50 9.11
N ASN A 267 4.02 15.33 10.04
CA ASN A 267 3.25 15.68 11.25
C ASN A 267 2.52 17.00 11.11
N LYS A 268 2.33 17.43 9.86
CA LYS A 268 1.57 18.63 9.61
C LYS A 268 0.42 18.26 8.69
N TYR A 269 -0.57 19.13 8.64
CA TYR A 269 -1.70 18.95 7.75
C TYR A 269 -2.06 20.25 7.06
N VAL A 270 -2.79 20.10 5.95
CA VAL A 270 -3.16 21.24 5.08
C VAL A 270 -4.39 21.97 5.62
N ASP A 271 -4.32 23.29 5.74
CA ASP A 271 -5.48 24.10 6.09
C ASP A 271 -5.55 25.33 5.19
N VAL A 272 -6.62 26.10 5.33
CA VAL A 272 -6.77 27.30 4.52
C VAL A 272 -6.94 28.54 5.39
N ASN A 273 -6.28 29.62 4.98
CA ASN A 273 -6.42 30.94 5.57
C ASN A 273 -7.17 31.77 4.57
N ASN A 274 -8.52 31.65 4.62
CA ASN A 274 -9.44 32.36 3.73
C ASN A 274 -9.44 31.81 2.31
N VAL A 275 -10.61 31.78 1.70
CA VAL A 275 -10.71 31.45 0.29
C VAL A 275 -10.48 32.74 -0.50
N GLY A 276 -10.33 32.59 -1.80
CA GLY A 276 -10.07 33.71 -2.69
C GLY A 276 -8.59 34.03 -2.85
N ILE A 277 -8.28 34.94 -3.76
CA ILE A 277 -6.91 35.17 -4.20
C ILE A 277 -6.01 35.85 -3.16
N ARG A 278 -6.58 36.43 -2.11
CA ARG A 278 -5.77 36.96 -1.00
C ARG A 278 -5.64 35.99 0.17
N GLY A 279 -6.26 34.83 0.05
CA GLY A 279 -6.08 33.75 1.01
C GLY A 279 -5.00 32.81 0.53
N TYR A 280 -4.71 31.80 1.32
CA TYR A 280 -3.66 30.85 0.98
C TYR A 280 -3.87 29.55 1.70
N MET A 281 -3.33 28.48 1.12
CA MET A 281 -3.23 27.18 1.75
C MET A 281 -1.91 27.10 2.52
N TYR A 282 -1.89 26.34 3.62
CA TYR A 282 -0.66 26.22 4.43
C TYR A 282 -0.64 24.91 5.20
N LEU A 283 0.51 24.58 5.75
CA LEU A 283 0.70 23.40 6.58
C LEU A 283 0.82 23.84 8.02
N LYS A 284 0.16 23.10 8.91
CA LYS A 284 0.22 23.38 10.32
C LYS A 284 0.23 22.05 11.08
N GLY A 285 0.78 22.06 12.28
CA GLY A 285 0.81 20.83 13.06
C GLY A 285 1.05 21.14 14.52
N PRO A 286 1.10 20.10 15.36
CA PRO A 286 1.06 18.69 15.02
C PRO A 286 -0.34 18.14 14.68
N ARG A 287 -0.37 16.94 14.13
CA ARG A 287 -1.63 16.26 13.81
C ARG A 287 -2.50 15.87 15.00
N GLY A 288 -1.90 15.62 16.14
CA GLY A 288 -2.70 15.02 17.24
C GLY A 288 -2.78 13.51 17.01
N SER A 289 -3.30 12.79 17.99
CA SER A 289 -3.11 11.34 18.04
C SER A 289 -4.43 10.57 18.10
N VAL A 290 -4.37 9.34 17.63
CA VAL A 290 -5.41 8.36 17.80
C VAL A 290 -4.81 7.24 18.64
N MET A 291 -5.60 6.65 19.53
CA MET A 291 -5.05 5.74 20.54
CA MET A 291 -5.06 5.68 20.45
C MET A 291 -6.09 4.72 20.99
N THR A 292 -5.59 3.56 21.41
CA THR A 292 -6.27 2.63 22.29
C THR A 292 -5.18 2.13 23.20
N THR A 293 -5.35 2.27 24.51
CA THR A 293 -4.21 2.02 25.40
C THR A 293 -3.68 0.59 25.25
N ASN A 294 -2.36 0.48 25.16
CA ASN A 294 -1.65 -0.80 24.99
C ASN A 294 -1.81 -1.43 23.61
N ILE A 295 -2.53 -0.76 22.71
CA ILE A 295 -2.84 -1.37 21.39
C ILE A 295 -2.36 -0.52 20.22
N TYR A 296 -2.65 0.76 20.20
CA TYR A 296 -2.02 1.64 19.23
C TYR A 296 -1.95 3.07 19.72
N LEU A 297 -0.98 3.79 19.15
CA LEU A 297 -0.82 5.24 19.32
C LEU A 297 -0.20 5.79 18.05
N ASN A 298 -1.02 6.48 17.23
CA ASN A 298 -0.59 6.97 15.93
C ASN A 298 -1.02 8.40 15.69
N SER A 299 -0.42 9.01 14.69
CA SER A 299 -0.90 10.32 14.26
C SER A 299 -2.27 10.20 13.61
N SER A 300 -3.12 11.17 13.87
CA SER A 300 -4.38 11.32 13.20
C SER A 300 -4.17 11.61 11.73
N LEU A 301 -4.88 10.89 10.87
CA LEU A 301 -4.74 11.04 9.42
C LEU A 301 -5.85 11.85 8.76
N TYR A 302 -6.99 11.98 9.44
CA TYR A 302 -8.16 12.63 8.82
C TYR A 302 -8.21 14.07 9.31
N ARG A 303 -7.21 14.83 8.92
CA ARG A 303 -7.10 16.22 9.32
C ARG A 303 -6.93 17.11 8.11
N GLY A 304 -7.44 18.31 8.22
CA GLY A 304 -7.20 19.34 7.22
C GLY A 304 -8.23 19.35 6.11
N THR A 305 -8.03 20.27 5.16
CA THR A 305 -8.93 20.38 4.01
C THR A 305 -8.75 19.18 3.08
N LYS A 306 -9.86 18.56 2.68
CA LYS A 306 -9.86 17.50 1.73
C LYS A 306 -9.60 18.06 0.33
N PHE A 307 -8.87 17.29 -0.46
CA PHE A 307 -8.66 17.56 -1.89
C PHE A 307 -9.45 16.53 -2.70
N ILE A 308 -9.93 16.96 -3.87
CA ILE A 308 -10.63 16.09 -4.82
C ILE A 308 -9.95 16.32 -6.16
N ILE A 309 -9.55 15.23 -6.82
CA ILE A 309 -8.89 15.27 -8.12
C ILE A 309 -9.98 15.23 -9.18
N LYS A 310 -9.92 16.20 -10.09
CA LYS A 310 -10.93 16.40 -11.12
C LYS A 310 -10.35 16.16 -12.51
N LYS A 311 -11.08 15.46 -13.37
CA LYS A 311 -10.64 15.26 -14.75
C LYS A 311 -10.52 16.54 -15.52
N TYR A 312 -9.47 16.63 -16.32
CA TYR A 312 -9.30 17.72 -17.24
C TYR A 312 -9.03 17.09 -18.60
N ALA A 313 -7.83 16.55 -18.79
CA ALA A 313 -7.35 16.13 -20.11
C ALA A 313 -7.59 14.67 -20.43
N SER A 314 -7.82 13.84 -19.42
CA SER A 314 -7.89 12.40 -19.64
C SER A 314 -9.05 11.99 -20.53
N GLY A 315 -8.75 11.15 -21.53
CA GLY A 315 -9.77 10.56 -22.38
C GLY A 315 -10.24 9.19 -21.89
N ASN A 316 -9.74 8.72 -20.75
CA ASN A 316 -10.25 7.49 -20.15
C ASN A 316 -11.63 7.71 -19.55
N LYS A 317 -12.53 6.75 -19.74
CA LYS A 317 -13.88 6.88 -19.19
C LYS A 317 -13.94 6.43 -17.73
N ASP A 318 -12.98 5.62 -17.25
CA ASP A 318 -13.02 5.18 -15.85
C ASP A 318 -12.58 6.31 -14.94
N ASN A 319 -12.61 6.08 -13.64
CA ASN A 319 -12.25 7.16 -12.69
C ASN A 319 -10.91 6.93 -12.01
N ILE A 320 -10.00 6.22 -12.68
CA ILE A 320 -8.66 5.96 -12.16
C ILE A 320 -7.67 7.01 -12.60
N VAL A 321 -6.85 7.51 -11.68
CA VAL A 321 -5.88 8.54 -12.00
C VAL A 321 -4.57 7.90 -12.46
N ARG A 322 -4.14 8.19 -13.67
CA ARG A 322 -2.94 7.58 -14.25
C ARG A 322 -1.79 8.55 -14.23
N ASN A 323 -0.60 7.98 -14.21
CA ASN A 323 0.65 8.73 -14.29
C ASN A 323 0.60 9.63 -15.51
N ASN A 324 0.96 10.89 -15.30
CA ASN A 324 0.98 11.94 -16.33
C ASN A 324 -0.39 12.54 -16.69
N ASP A 325 -1.46 12.11 -16.02
CA ASP A 325 -2.76 12.73 -16.24
C ASP A 325 -2.69 14.20 -15.88
N ARG A 326 -3.32 15.04 -16.70
CA ARG A 326 -3.45 16.47 -16.40
C ARG A 326 -4.84 16.67 -15.81
N VAL A 327 -4.89 17.29 -14.64
CA VAL A 327 -6.09 17.30 -13.80
C VAL A 327 -6.32 18.70 -13.25
N TYR A 328 -7.46 18.90 -12.59
CA TYR A 328 -7.60 20.03 -11.67
C TYR A 328 -7.67 19.48 -10.25
N ILE A 329 -7.29 20.30 -9.29
CA ILE A 329 -7.42 19.96 -7.89
C ILE A 329 -8.46 20.88 -7.26
N ASN A 330 -9.47 20.26 -6.67
CA ASN A 330 -10.47 20.96 -5.87
C ASN A 330 -10.13 20.81 -4.40
N VAL A 331 -10.40 21.87 -3.64
CA VAL A 331 -10.26 21.89 -2.19
C VAL A 331 -11.64 22.06 -1.59
N VAL A 332 -11.96 21.23 -0.61
CA VAL A 332 -13.27 21.29 0.07
C VAL A 332 -13.19 22.17 1.29
N VAL A 333 -13.98 23.26 1.29
CA VAL A 333 -14.02 24.18 2.42
C VAL A 333 -15.48 24.41 2.76
N LYS A 334 -15.89 23.99 3.97
CA LYS A 334 -17.28 24.13 4.42
C LYS A 334 -18.24 23.47 3.44
N ASN A 335 -17.88 22.25 3.05
CA ASN A 335 -18.72 21.42 2.18
C ASN A 335 -19.03 22.06 0.83
N LYS A 336 -18.07 22.84 0.35
CA LYS A 336 -18.17 23.45 -0.96
C LYS A 336 -16.81 23.29 -1.59
N GLU A 337 -16.77 23.04 -2.91
CA GLU A 337 -15.49 22.91 -3.62
C GLU A 337 -15.01 24.22 -4.24
N TYR A 338 -13.70 24.43 -4.06
CA TYR A 338 -12.93 25.53 -4.60
C TYR A 338 -11.83 24.95 -5.47
N ARG A 339 -11.21 25.79 -6.28
CA ARG A 339 -10.15 25.39 -7.19
C ARG A 339 -8.79 25.84 -6.68
N LEU A 340 -7.87 24.88 -6.56
CA LEU A 340 -6.48 25.20 -6.25
C LEU A 340 -5.84 25.92 -7.45
N ALA A 341 -5.34 27.14 -7.23
CA ALA A 341 -4.82 27.97 -8.34
C ALA A 341 -3.89 29.03 -7.80
N THR A 342 -3.16 29.66 -8.73
CA THR A 342 -2.25 30.75 -8.39
C THR A 342 -2.11 31.68 -9.59
N ASN A 343 -1.75 32.92 -9.29
CA ASN A 343 -1.26 33.86 -10.28
C ASN A 343 0.26 33.73 -10.35
N ALA A 344 0.75 33.07 -11.37
CA ALA A 344 2.17 32.81 -11.56
C ALA A 344 2.96 34.10 -11.79
N SER A 345 2.29 35.23 -11.99
CA SER A 345 2.98 36.51 -12.18
C SER A 345 3.48 37.15 -10.90
N GLN A 346 3.05 36.64 -9.74
CA GLN A 346 3.52 37.18 -8.48
C GLN A 346 5.06 37.07 -8.41
N ALA A 347 5.71 38.03 -7.76
CA ALA A 347 7.17 38.03 -7.72
C ALA A 347 7.73 36.84 -6.95
N GLY A 348 8.86 36.31 -7.40
CA GLY A 348 9.52 35.20 -6.74
C GLY A 348 9.21 33.88 -7.39
N VAL A 349 10.11 32.90 -7.25
CA VAL A 349 9.91 31.62 -7.88
C VAL A 349 8.74 30.86 -7.26
N GLU A 350 8.52 31.03 -5.95
CA GLU A 350 7.46 30.32 -5.25
C GLU A 350 6.14 31.03 -5.49
N LYS A 351 5.17 30.32 -6.06
CA LYS A 351 3.87 30.90 -6.36
C LYS A 351 2.88 30.36 -5.33
N ILE A 352 2.42 31.25 -4.44
CA ILE A 352 1.55 30.86 -3.34
C ILE A 352 0.21 30.42 -3.90
N LEU A 353 -0.28 29.29 -3.41
CA LEU A 353 -1.54 28.71 -3.90
C LEU A 353 -2.72 29.21 -3.08
N SER A 354 -3.83 29.45 -3.77
CA SER A 354 -5.08 29.88 -3.15
C SER A 354 -6.20 28.88 -3.50
N ALA A 355 -7.30 28.97 -2.78
CA ALA A 355 -8.52 28.22 -3.08
C ALA A 355 -9.56 29.17 -3.66
N LEU A 356 -9.80 29.09 -4.95
CA LEU A 356 -10.62 30.08 -5.65
C LEU A 356 -12.00 29.54 -5.95
N GLU A 357 -12.98 30.45 -6.01
CA GLU A 357 -14.28 30.09 -6.55
C GLU A 357 -14.09 29.59 -7.97
N ILE A 358 -14.68 28.44 -8.25
CA ILE A 358 -14.42 27.76 -9.53
C ILE A 358 -14.81 28.64 -10.72
N PRO A 359 -16.02 29.25 -10.68
CA PRO A 359 -16.40 30.09 -11.82
C PRO A 359 -15.50 31.33 -12.05
N ASP A 360 -14.65 31.66 -11.07
CA ASP A 360 -13.86 32.89 -11.06
C ASP A 360 -12.37 32.70 -11.21
N VAL A 361 -11.96 31.48 -11.52
CA VAL A 361 -10.55 31.20 -11.74
C VAL A 361 -9.99 31.94 -12.93
N GLY A 362 -10.83 32.18 -13.95
CA GLY A 362 -10.36 32.91 -15.12
C GLY A 362 -9.12 32.29 -15.74
N ASN A 363 -8.07 33.10 -15.91
CA ASN A 363 -6.89 32.62 -16.61
C ASN A 363 -5.76 32.27 -15.65
N LEU A 364 -6.04 32.21 -14.36
CA LEU A 364 -5.05 31.80 -13.36
C LEU A 364 -4.58 30.37 -13.62
N SER A 365 -3.37 30.06 -13.15
CA SER A 365 -2.82 28.71 -13.34
C SER A 365 -3.47 27.70 -12.43
N GLN A 366 -3.95 26.60 -13.00
CA GLN A 366 -4.71 25.59 -12.26
C GLN A 366 -4.53 24.16 -12.75
N VAL A 367 -3.93 23.94 -13.93
CA VAL A 367 -3.78 22.59 -14.45
C VAL A 367 -2.56 21.91 -13.82
N VAL A 368 -2.79 20.69 -13.35
CA VAL A 368 -1.79 19.94 -12.60
C VAL A 368 -1.48 18.64 -13.32
N VAL A 369 -0.20 18.37 -13.52
CA VAL A 369 0.24 17.06 -13.99
C VAL A 369 0.50 16.18 -12.79
N MET A 370 -0.18 15.04 -12.73
CA MET A 370 -0.02 14.07 -11.67
C MET A 370 1.09 13.14 -12.09
N LYS A 371 2.13 13.09 -11.28
CA LYS A 371 3.35 12.38 -11.64
C LYS A 371 3.74 11.44 -10.52
N SER A 372 3.91 10.18 -10.88
CA SER A 372 4.56 9.24 -10.01
C SER A 372 6.03 9.62 -9.80
N LYS A 373 6.42 9.70 -8.53
CA LYS A 373 7.79 9.92 -8.14
C LYS A 373 8.70 8.78 -8.64
N ASN A 374 8.10 7.62 -8.92
CA ASN A 374 8.83 6.46 -9.40
C ASN A 374 9.97 6.07 -8.45
N ASP A 375 9.67 6.12 -7.16
CA ASP A 375 10.52 5.58 -6.13
C ASP A 375 10.32 4.07 -6.12
N GLN A 376 11.09 3.38 -5.29
CA GLN A 376 10.86 1.95 -5.10
C GLN A 376 9.43 1.69 -4.63
N GLY A 377 8.85 0.62 -5.15
CA GLY A 377 7.57 0.15 -4.64
C GLY A 377 6.33 0.79 -5.22
N ILE A 378 5.27 0.78 -4.42
CA ILE A 378 3.94 1.23 -4.86
C ILE A 378 3.95 2.66 -5.37
N THR A 379 3.19 2.89 -6.45
CA THR A 379 3.15 4.21 -7.07
C THR A 379 2.22 5.19 -6.38
N ASN A 380 2.37 5.34 -5.06
CA ASN A 380 1.58 6.30 -4.30
C ASN A 380 2.30 7.55 -3.84
N LYS A 381 3.57 7.72 -4.21
CA LYS A 381 4.23 9.00 -3.89
C LYS A 381 3.99 9.86 -5.09
N CYS A 382 3.24 10.93 -4.89
CA CYS A 382 2.76 11.72 -5.99
C CYS A 382 3.39 13.09 -5.98
N LYS A 383 3.68 13.56 -7.18
CA LYS A 383 4.09 14.93 -7.41
C LYS A 383 3.00 15.55 -8.27
N MET A 384 2.81 16.85 -8.09
CA MET A 384 1.78 17.59 -8.75
C MET A 384 2.47 18.79 -9.38
N ASN A 385 2.63 18.77 -10.69
CA ASN A 385 3.32 19.84 -11.40
C ASN A 385 2.29 20.82 -11.96
N LEU A 386 2.27 22.03 -11.43
CA LEU A 386 1.32 23.04 -11.86
C LEU A 386 1.83 23.64 -13.16
N GLN A 387 0.91 23.84 -14.10
CA GLN A 387 1.23 24.42 -15.40
C GLN A 387 0.28 25.56 -15.69
N ASP A 388 0.77 26.52 -16.46
CA ASP A 388 -0.05 27.65 -16.90
C ASP A 388 -0.96 27.21 -18.07
N ASN A 389 -1.74 28.15 -18.58
CA ASN A 389 -2.66 27.78 -19.64
C ASN A 389 -2.02 27.55 -20.99
N ASN A 390 -0.73 27.83 -21.10
CA ASN A 390 0.01 27.47 -22.31
C ASN A 390 0.81 26.19 -22.09
N GLY A 391 0.60 25.53 -20.95
CA GLY A 391 1.29 24.27 -20.69
C GLY A 391 2.68 24.41 -20.14
N ASN A 392 3.09 25.63 -19.83
CA ASN A 392 4.43 25.84 -19.29
C ASN A 392 4.41 25.52 -17.80
N ASP A 393 5.48 24.88 -17.34
CA ASP A 393 5.59 24.52 -15.94
C ASP A 393 5.72 25.73 -15.05
N ILE A 394 4.86 25.81 -14.04
CA ILE A 394 5.02 26.75 -12.91
C ILE A 394 5.77 26.07 -11.76
N GLY A 395 5.65 24.76 -11.66
CA GLY A 395 6.49 23.97 -10.77
C GLY A 395 5.71 22.99 -9.92
N PHE A 396 6.44 22.06 -9.31
CA PHE A 396 5.84 21.14 -8.40
C PHE A 396 5.25 21.84 -7.18
N ILE A 397 4.15 21.27 -6.70
CA ILE A 397 3.48 21.82 -5.50
C ILE A 397 4.15 21.30 -4.23
N GLY A 398 4.56 22.24 -3.39
CA GLY A 398 5.18 21.95 -2.11
C GLY A 398 4.81 23.06 -1.16
N PHE A 399 5.77 23.52 -0.39
CA PHE A 399 5.53 24.56 0.62
C PHE A 399 6.79 25.41 0.84
N HIS A 400 6.61 26.62 1.34
CA HIS A 400 7.72 27.52 1.57
C HIS A 400 7.37 28.37 2.77
N GLN A 401 8.37 28.68 3.58
CA GLN A 401 8.18 29.54 4.75
C GLN A 401 8.09 30.99 4.33
N PHE A 402 6.96 31.63 4.61
CA PHE A 402 6.81 33.06 4.50
C PHE A 402 6.42 33.61 5.87
N ASN A 403 7.39 34.06 6.65
CA ASN A 403 8.56 33.22 6.91
C ASN A 403 8.27 32.45 8.21
N ASN A 404 7.21 32.82 8.94
CA ASN A 404 6.74 31.89 9.97
C ASN A 404 5.54 31.03 9.59
N ILE A 405 5.05 31.17 8.36
CA ILE A 405 3.93 30.36 7.88
C ILE A 405 4.38 29.50 6.70
N ALA A 406 4.12 28.19 6.79
CA ALA A 406 4.48 27.25 5.75
C ALA A 406 3.39 27.22 4.68
N LYS A 407 3.43 28.17 3.75
CA LYS A 407 2.38 28.28 2.73
C LYS A 407 2.60 27.28 1.61
N LEU A 408 1.51 26.75 1.04
CA LEU A 408 1.66 25.89 -0.12
C LEU A 408 2.01 26.76 -1.33
N VAL A 409 2.93 26.25 -2.15
CA VAL A 409 3.41 26.96 -3.32
C VAL A 409 3.61 25.99 -4.48
N ALA A 410 3.56 26.50 -5.69
CA ALA A 410 4.15 25.82 -6.84
C ALA A 410 5.50 26.50 -7.09
N SER A 411 6.54 25.70 -7.29
CA SER A 411 7.88 26.24 -7.44
C SER A 411 8.78 25.40 -8.34
N ASN A 412 9.30 26.02 -9.38
CA ASN A 412 10.22 25.33 -10.30
C ASN A 412 11.55 25.02 -9.66
N TRP A 413 11.82 25.58 -8.48
CA TRP A 413 13.02 25.18 -7.72
C TRP A 413 13.00 23.68 -7.50
N TYR A 414 11.82 23.13 -7.18
CA TYR A 414 11.68 21.69 -6.94
C TYR A 414 12.07 20.87 -8.17
N ASN A 415 11.57 21.32 -9.32
CA ASN A 415 11.83 20.63 -10.58
C ASN A 415 13.31 20.57 -10.95
N ARG A 416 14.12 21.42 -10.31
CA ARG A 416 15.56 21.49 -10.56
C ARG A 416 16.37 20.68 -9.55
N GLN A 417 15.72 20.11 -8.55
CA GLN A 417 16.43 19.35 -7.50
C GLN A 417 16.70 17.90 -7.87
N ILE A 418 17.66 17.32 -7.16
CA ILE A 418 18.06 15.93 -7.35
C ILE A 418 16.88 14.99 -7.02
N GLU A 419 16.67 14.01 -7.89
CA GLU A 419 15.51 13.10 -7.81
C GLU A 419 15.62 12.20 -6.57
N ARG A 420 14.50 11.96 -5.90
CA ARG A 420 14.43 11.12 -4.68
C ARG A 420 15.34 11.63 -3.54
N SER A 421 15.71 12.91 -3.57
CA SER A 421 16.58 13.48 -2.54
C SER A 421 15.77 14.21 -1.49
N SER A 422 16.44 14.80 -0.52
CA SER A 422 15.79 15.52 0.56
C SER A 422 15.02 16.69 0.00
N ARG A 423 15.54 17.28 -1.06
CA ARG A 423 14.97 18.50 -1.59
C ARG A 423 13.78 18.26 -2.52
N THR A 424 13.32 17.02 -2.65
CA THR A 424 12.04 16.77 -3.33
C THR A 424 11.02 16.12 -2.39
N LEU A 425 11.36 15.99 -1.12
CA LEU A 425 10.40 15.49 -0.15
C LEU A 425 9.26 16.49 0.04
N GLY A 426 9.60 17.78 0.02
CA GLY A 426 8.63 18.84 0.23
C GLY A 426 7.54 18.93 -0.83
N CYS A 427 7.85 18.41 -2.02
CA CYS A 427 6.88 18.35 -3.11
C CYS A 427 6.41 16.92 -3.41
N SER A 428 6.51 16.03 -2.41
CA SER A 428 5.97 14.66 -2.55
C SER A 428 4.79 14.51 -1.58
N TRP A 429 3.69 13.98 -2.11
CA TRP A 429 2.44 13.91 -1.37
C TRP A 429 1.84 12.52 -1.44
N GLU A 430 1.02 12.21 -0.44
CA GLU A 430 0.13 11.06 -0.51
C GLU A 430 -1.29 11.51 -0.16
N PHE A 431 -2.23 10.75 -0.71
CA PHE A 431 -3.65 11.01 -0.65
C PHE A 431 -4.30 9.92 0.21
N ILE A 432 -4.96 10.34 1.28
CA ILE A 432 -5.49 9.40 2.28
C ILE A 432 -7.01 9.47 2.31
N PRO A 433 -7.69 8.44 1.77
CA PRO A 433 -9.14 8.36 1.94
C PRO A 433 -9.47 7.63 3.24
N VAL A 434 -10.70 7.83 3.71
CA VAL A 434 -11.17 7.10 4.88
C VAL A 434 -11.23 5.61 4.56
N ASP A 435 -10.72 4.79 5.47
CA ASP A 435 -10.61 3.36 5.28
C ASP A 435 -10.93 2.62 6.58
N ASP A 436 -11.75 1.59 6.47
CA ASP A 436 -12.21 0.86 7.65
C ASP A 436 -11.08 0.16 8.41
N GLY A 437 -9.98 -0.12 7.72
CA GLY A 437 -8.83 -0.74 8.36
C GLY A 437 -7.96 0.18 9.18
N TRP A 438 -8.32 1.46 9.19
CA TRP A 438 -7.61 2.47 9.96
C TRP A 438 -8.42 2.83 11.22
N GLY A 439 -9.72 3.04 11.04
CA GLY A 439 -10.68 3.04 12.17
C GLY A 439 -10.84 4.35 12.88
N GLU A 440 -10.08 5.36 12.47
CA GLU A 440 -10.19 6.69 13.01
C GLU A 440 -11.58 7.27 12.67
N ARG A 441 -12.12 8.07 13.57
CA ARG A 441 -13.34 8.82 13.28
C ARG A 441 -12.97 10.25 12.97
N PRO A 442 -13.34 10.75 11.78
CA PRO A 442 -13.11 12.15 11.49
C PRO A 442 -13.77 13.04 12.56
N LEU A 443 -13.16 14.19 12.83
CA LEU A 443 -13.68 15.14 13.83
C LEU A 443 -14.96 15.77 13.37
N GLN A 444 -15.15 15.81 12.05
CA GLN A 444 -16.34 16.36 11.44
C GLN A 444 -16.45 15.90 10.01
#